data_7LLB
#
_entry.id   7LLB
#
_cell.length_a   34.495
_cell.length_b   37.292
_cell.length_c   82.128
_cell.angle_alpha   91.391
_cell.angle_beta   90.372
_cell.angle_gamma   93.789
#
_symmetry.space_group_name_H-M   'P 1'
#
loop_
_entity.id
_entity.type
_entity.pdbx_description
1 polymer 'Carbapenem-hydrolyzing beta-lactamase KPC'
2 non-polymer '(2S,3R)-2-[(2S,3R)-1,3-bis(oxidanyl)-1-oxidanylidene-butan-2-yl]-4-[(3S,5S)-5-(dimethylcarbamoyl)pyrrolidin-3-yl]sulfan yl-3-methyl-2,3-dihydro-1H-pyrrole-5-carboxylic acid'
3 water water
#
_entity_poly.entity_id   1
_entity_poly.type   'polypeptide(L)'
_entity_poly.pdbx_seq_one_letter_code
;TNLVAEPFAKLEQDFGGSIGVYAMDTGSGATVSYRAEERFPLCGSFKGFLAAAVLARSQQQAGLLDTPIRYGKNALVPWS
PISEKYLTTGMTVAELSAAAVQYSDNAAANLLLKELGGPAGLTAFMRSIGDTTFRLDRWELELNSAIPGDARDTSSPRAV
TESLQKLTLGSALAAPQRQQFVDWLKGNPTGNHRIRAAVPADWAVGDKTGTCGVYGTANDYAVVWPTGRAPIVLAVYTRA
PNKDDKHSEAVIAAAARLALEGLG
;
_entity_poly.pdbx_strand_id   A,B
#
# COMPACT_ATOMS: atom_id res chain seq x y z
N THR A 1 12.27 -0.21 41.70
CA THR A 1 12.08 -0.74 43.08
C THR A 1 11.09 0.16 43.83
N ASN A 2 11.16 0.15 45.15
CA ASN A 2 10.29 1.01 45.98
C ASN A 2 10.79 2.46 45.99
N LEU A 3 12.11 2.75 45.81
CA LEU A 3 12.41 4.17 45.91
C LEU A 3 12.20 4.84 44.57
N VAL A 4 12.24 4.06 43.49
CA VAL A 4 11.83 4.55 42.18
C VAL A 4 10.34 4.87 42.17
N ALA A 5 9.51 3.93 42.67
CA ALA A 5 8.06 4.06 42.52
C ALA A 5 7.45 5.08 43.48
N GLU A 6 8.06 5.27 44.66
CA GLU A 6 7.42 6.03 45.72
C GLU A 6 7.03 7.45 45.29
N PRO A 7 7.88 8.24 44.65
CA PRO A 7 7.44 9.59 44.25
C PRO A 7 6.34 9.58 43.21
N PHE A 8 6.27 8.54 42.37
CA PHE A 8 5.18 8.46 41.38
C PHE A 8 3.85 8.22 42.07
N ALA A 9 3.82 7.29 43.03
CA ALA A 9 2.58 6.99 43.73
C ALA A 9 2.06 8.20 44.49
N LYS A 10 2.96 8.95 45.11
CA LYS A 10 2.57 10.19 45.77
C LYS A 10 1.99 11.18 44.77
N LEU A 11 2.60 11.28 43.57
CA LEU A 11 2.12 12.23 42.57
C LEU A 11 0.72 11.90 42.09
N GLU A 12 0.45 10.62 41.84
CA GLU A 12 -0.86 10.24 41.32
C GLU A 12 -1.92 10.23 42.42
N GLN A 13 -1.50 10.14 43.68
CA GLN A 13 -2.43 10.30 44.79
C GLN A 13 -2.89 11.75 44.91
N ASP A 14 -1.98 12.69 44.65
CA ASP A 14 -2.34 14.10 44.65
C ASP A 14 -3.10 14.49 43.38
N PHE A 15 -2.80 13.82 42.27
CA PHE A 15 -3.52 14.05 41.02
C PHE A 15 -4.93 13.48 41.06
N GLY A 16 -5.14 12.40 41.81
CA GLY A 16 -6.44 11.77 41.85
C GLY A 16 -6.69 10.78 40.74
N GLY A 17 -5.64 10.22 40.15
CA GLY A 17 -5.80 9.23 39.11
C GLY A 17 -4.57 8.35 39.03
N SER A 18 -4.37 7.77 37.85
CA SER A 18 -3.26 6.87 37.61
C SER A 18 -2.28 7.49 36.63
N ILE A 19 -0.98 7.27 36.88
CA ILE A 19 0.09 7.76 36.03
C ILE A 19 0.92 6.57 35.57
N GLY A 20 1.19 6.47 34.28
CA GLY A 20 2.04 5.42 33.77
C GLY A 20 3.27 6.00 33.11
N VAL A 21 4.44 5.47 33.43
CA VAL A 21 5.70 6.07 32.99
C VAL A 21 6.66 4.97 32.56
N TYR A 22 7.33 5.19 31.44
CA TYR A 22 8.48 4.37 31.05
C TYR A 22 9.49 5.27 30.39
N ALA A 23 10.75 5.15 30.81
CA ALA A 23 11.84 5.93 30.24
C ALA A 23 13.01 5.00 29.97
N MET A 24 13.69 5.20 28.85
CA MET A 24 14.80 4.35 28.44
C MET A 24 15.99 5.21 28.06
N ASP A 25 17.14 4.93 28.66
CA ASP A 25 18.41 5.53 28.26
C ASP A 25 19.00 4.64 27.17
N THR A 26 19.04 5.16 25.93
CA THR A 26 19.42 4.34 24.78
C THR A 26 20.91 4.02 24.74
N GLY A 27 21.72 4.62 25.60
CA GLY A 27 23.13 4.33 25.63
C GLY A 27 23.46 3.21 26.59
N SER A 28 22.95 3.32 27.82
CA SER A 28 23.26 2.35 28.86
C SER A 28 22.20 1.27 29.00
N GLY A 29 21.01 1.47 28.43
CA GLY A 29 19.92 0.53 28.62
C GLY A 29 19.18 0.69 29.92
N ALA A 30 19.58 1.65 30.76
CA ALA A 30 18.89 1.89 32.01
C ALA A 30 17.47 2.34 31.75
N THR A 31 16.55 1.97 32.65
CA THR A 31 15.15 2.30 32.48
C THR A 31 14.56 2.77 33.81
N VAL A 32 13.42 3.45 33.71
CA VAL A 32 12.57 3.76 34.85
C VAL A 32 11.15 3.37 34.46
N SER A 33 10.47 2.64 35.34
CA SER A 33 9.16 2.08 35.05
C SER A 33 8.20 2.37 36.19
N TYR A 34 6.99 2.80 35.85
CA TYR A 34 5.92 2.92 36.83
C TYR A 34 4.61 2.68 36.10
N ARG A 35 3.89 1.61 36.48
CA ARG A 35 2.69 1.19 35.77
C ARG A 35 2.96 1.06 34.27
N ALA A 36 4.17 0.65 33.91
CA ALA A 36 4.62 0.77 32.52
C ALA A 36 3.95 -0.22 31.58
N GLU A 37 3.36 -1.29 32.10
CA GLU A 37 2.67 -2.24 31.24
C GLU A 37 1.16 -2.14 31.35
N GLU A 38 0.65 -1.19 32.11
CA GLU A 38 -0.78 -0.92 32.15
C GLU A 38 -1.20 -0.21 30.86
N ARG A 39 -2.45 -0.41 30.48
CA ARG A 39 -3.00 0.24 29.29
C ARG A 39 -3.56 1.62 29.64
N PHE A 40 -3.27 2.60 28.79
CA PHE A 40 -3.81 3.94 28.86
C PHE A 40 -4.32 4.35 27.48
N PRO A 41 -5.40 5.12 27.42
CA PRO A 41 -5.87 5.61 26.12
C PRO A 41 -4.81 6.44 25.43
N LEU A 42 -4.69 6.23 24.12
CA LEU A 42 -3.72 6.98 23.31
C LEU A 42 -4.14 8.43 23.13
N CYS A 43 -5.44 8.68 22.98
CA CYS A 43 -5.94 9.99 22.54
C CYS A 43 -5.16 10.40 21.29
N GLY A 44 -4.85 11.69 21.16
CA GLY A 44 -4.16 12.13 19.96
C GLY A 44 -2.71 11.71 19.85
N SER A 45 -2.14 11.06 20.86
CA SER A 45 -0.74 10.65 20.74
C SER A 45 -0.55 9.62 19.64
N PHE A 46 -1.61 8.93 19.20
CA PHE A 46 -1.45 7.99 18.10
C PHE A 46 -1.02 8.71 16.82
N LYS A 47 -1.27 10.01 16.72
CA LYS A 47 -1.00 10.72 15.46
C LYS A 47 0.48 10.78 15.15
N GLY A 48 1.34 10.70 16.16
CA GLY A 48 2.78 10.60 15.89
C GLY A 48 3.12 9.30 15.20
N PHE A 49 2.61 8.18 15.73
CA PHE A 49 2.83 6.90 15.09
C PHE A 49 2.16 6.83 13.74
N LEU A 50 1.03 7.53 13.57
CA LEU A 50 0.37 7.61 12.28
C LEU A 50 1.29 8.21 11.22
N ALA A 51 1.94 9.33 11.55
CA ALA A 51 2.87 9.94 10.59
C ALA A 51 4.03 9.00 10.30
N ALA A 52 4.54 8.31 11.33
CA ALA A 52 5.61 7.35 11.12
C ALA A 52 5.18 6.22 10.20
N ALA A 53 3.95 5.75 10.35
CA ALA A 53 3.44 4.68 9.49
C ALA A 53 3.38 5.13 8.03
N VAL A 54 2.95 6.38 7.82
CA VAL A 54 2.91 6.94 6.48
C VAL A 54 4.31 7.05 5.91
N LEU A 55 5.25 7.55 6.71
CA LEU A 55 6.63 7.64 6.26
C LEU A 55 7.19 6.27 5.90
N ALA A 56 6.92 5.27 6.74
CA ALA A 56 7.39 3.92 6.45
C ALA A 56 6.76 3.39 5.17
N ARG A 57 5.48 3.67 4.95
CA ARG A 57 4.85 3.18 3.72
C ARG A 57 5.52 3.82 2.50
N SER A 58 5.95 5.09 2.61
CA SER A 58 6.61 5.71 1.47
C SER A 58 7.92 5.02 1.12
N GLN A 59 8.49 4.27 2.06
CA GLN A 59 9.66 3.46 1.75
C GLN A 59 9.32 2.32 0.80
N GLN A 60 8.05 1.88 0.79
CA GLN A 60 7.59 0.85 -0.12
C GLN A 60 6.81 1.41 -1.30
N GLN A 61 6.43 2.69 -1.24
CA GLN A 61 5.61 3.34 -2.27
C GLN A 61 6.26 4.69 -2.57
N ALA A 62 7.17 4.73 -3.54
CA ALA A 62 7.83 5.98 -3.87
C ALA A 62 6.81 7.02 -4.31
N GLY A 63 6.98 8.24 -3.80
CA GLY A 63 6.06 9.32 -4.12
C GLY A 63 4.75 9.33 -3.36
N LEU A 64 4.57 8.43 -2.38
CA LEU A 64 3.39 8.50 -1.53
C LEU A 64 3.28 9.85 -0.83
N LEU A 65 4.38 10.36 -0.30
CA LEU A 65 4.32 11.60 0.48
C LEU A 65 3.81 12.77 -0.34
N ASP A 66 4.05 12.78 -1.65
CA ASP A 66 3.62 13.87 -2.50
C ASP A 66 2.21 13.69 -3.05
N THR A 67 1.54 12.59 -2.75
CA THR A 67 0.21 12.32 -3.29
C THR A 67 -0.79 13.38 -2.83
N PRO A 68 -1.47 14.06 -3.74
CA PRO A 68 -2.50 15.02 -3.33
C PRO A 68 -3.74 14.30 -2.82
N ILE A 69 -4.23 14.74 -1.66
CA ILE A 69 -5.49 14.28 -1.12
C ILE A 69 -6.47 15.44 -1.23
N ARG A 70 -7.42 15.34 -2.13
CA ARG A 70 -8.44 16.37 -2.32
C ARG A 70 -9.73 15.84 -1.70
N TYR A 71 -10.19 16.51 -0.66
CA TYR A 71 -11.28 16.03 0.17
C TYR A 71 -12.44 17.01 0.14
N GLY A 72 -13.62 16.54 0.54
CA GLY A 72 -14.77 17.40 0.61
C GLY A 72 -15.00 17.90 2.02
N LYS A 73 -15.98 18.82 2.16
CA LYS A 73 -16.22 19.46 3.45
C LYS A 73 -16.67 18.45 4.49
N ASN A 74 -17.32 17.36 4.07
CA ASN A 74 -17.77 16.36 5.03
C ASN A 74 -16.61 15.56 5.63
N ALA A 75 -15.43 15.63 5.03
CA ALA A 75 -14.25 14.99 5.60
C ALA A 75 -13.76 15.71 6.86
N LEU A 76 -14.24 16.93 7.11
CA LEU A 76 -13.80 17.70 8.26
C LEU A 76 -14.52 17.20 9.50
N VAL A 77 -13.78 17.14 10.60
CA VAL A 77 -14.31 16.78 11.91
C VAL A 77 -13.81 17.84 12.89
N PRO A 78 -14.33 17.92 14.11
CA PRO A 78 -13.86 18.97 15.03
C PRO A 78 -12.36 18.90 15.26
N TRP A 79 -11.80 20.08 15.55
CA TRP A 79 -10.36 20.26 15.75
C TRP A 79 -9.56 19.84 14.52
N SER A 80 -9.81 20.53 13.41
CA SER A 80 -9.07 20.35 12.17
C SER A 80 -8.56 21.70 11.67
N PRO A 81 -7.71 22.37 12.45
CA PRO A 81 -7.38 23.77 12.14
C PRO A 81 -6.62 23.96 10.84
N ILE A 82 -5.83 22.98 10.41
CA ILE A 82 -5.06 23.10 9.18
C ILE A 82 -5.85 22.60 7.99
N SER A 83 -6.41 21.39 8.07
CA SER A 83 -7.13 20.82 6.94
C SER A 83 -8.35 21.65 6.57
N GLU A 84 -8.98 22.32 7.54
CA GLU A 84 -10.11 23.19 7.23
C GLU A 84 -9.70 24.32 6.30
N LYS A 85 -8.46 24.78 6.39
CA LYS A 85 -8.00 25.92 5.59
C LYS A 85 -7.61 25.53 4.16
N TYR A 86 -7.42 24.24 3.88
CA TYR A 86 -7.05 23.78 2.55
C TYR A 86 -8.18 23.00 1.89
N LEU A 87 -9.42 23.18 2.39
CA LEU A 87 -10.57 22.50 1.81
C LEU A 87 -10.73 22.82 0.33
N THR A 88 -10.43 24.07 -0.05
CA THR A 88 -10.62 24.52 -1.43
C THR A 88 -9.48 24.12 -2.36
N THR A 89 -8.44 23.47 -1.85
CA THR A 89 -7.29 23.09 -2.69
C THR A 89 -6.87 21.64 -2.49
N GLY A 90 -6.95 21.12 -1.28
CA GLY A 90 -6.40 19.82 -0.96
C GLY A 90 -5.05 19.93 -0.28
N MET A 91 -4.58 18.79 0.22
CA MET A 91 -3.28 18.70 0.88
C MET A 91 -2.61 17.41 0.49
N THR A 92 -1.28 17.44 0.40
CA THR A 92 -0.57 16.20 0.13
C THR A 92 -0.50 15.35 1.40
N VAL A 93 -0.13 14.09 1.21
CA VAL A 93 0.00 13.16 2.33
C VAL A 93 1.01 13.68 3.35
N ALA A 94 2.13 14.23 2.87
CA ALA A 94 3.14 14.75 3.79
C ALA A 94 2.65 16.00 4.51
N GLU A 95 1.92 16.87 3.81
CA GLU A 95 1.36 18.04 4.45
C GLU A 95 0.36 17.66 5.53
N LEU A 96 -0.48 16.65 5.26
CA LEU A 96 -1.43 16.16 6.25
C LEU A 96 -0.70 15.56 7.45
N SER A 97 0.39 14.83 7.20
CA SER A 97 1.15 14.23 8.29
C SER A 97 1.73 15.29 9.21
N ALA A 98 2.30 16.36 8.64
CA ALA A 98 2.81 17.46 9.46
C ALA A 98 1.70 18.08 10.29
N ALA A 99 0.50 18.26 9.69
CA ALA A 99 -0.61 18.83 10.42
C ALA A 99 -1.06 17.91 11.54
N ALA A 100 -1.09 16.60 11.28
CA ALA A 100 -1.52 15.64 12.30
C ALA A 100 -0.57 15.67 13.49
N VAL A 101 0.73 15.82 13.24
CA VAL A 101 1.69 15.77 14.33
C VAL A 101 1.73 17.07 15.11
N GLN A 102 1.83 18.20 14.41
CA GLN A 102 2.12 19.47 15.08
C GLN A 102 0.88 20.25 15.47
N TYR A 103 -0.27 19.97 14.87
CA TYR A 103 -1.51 20.61 15.27
C TYR A 103 -2.55 19.60 15.75
N SER A 104 -2.20 18.31 15.80
CA SER A 104 -3.14 17.26 16.19
C SER A 104 -4.41 17.31 15.34
N ASP A 105 -4.25 17.69 14.08
CA ASP A 105 -5.36 17.90 13.17
C ASP A 105 -6.15 16.59 12.99
N ASN A 106 -7.43 16.62 13.35
CA ASN A 106 -8.23 15.39 13.36
C ASN A 106 -8.62 14.95 11.96
N ALA A 107 -9.10 15.87 11.12
CA ALA A 107 -9.42 15.48 9.74
C ALA A 107 -8.19 14.94 9.03
N ALA A 108 -7.03 15.58 9.25
CA ALA A 108 -5.81 15.06 8.66
C ALA A 108 -5.54 13.64 9.14
N ALA A 109 -5.72 13.39 10.44
CA ALA A 109 -5.52 12.05 10.97
C ALA A 109 -6.45 11.04 10.31
N ASN A 110 -7.73 11.39 10.18
CA ASN A 110 -8.68 10.46 9.57
C ASN A 110 -8.35 10.23 8.10
N LEU A 111 -7.92 11.28 7.39
CA LEU A 111 -7.56 11.10 5.98
C LEU A 111 -6.35 10.17 5.85
N LEU A 112 -5.37 10.31 6.72
CA LEU A 112 -4.21 9.43 6.67
C LEU A 112 -4.58 8.02 7.10
N LEU A 113 -5.45 7.89 8.11
CA LEU A 113 -5.92 6.56 8.47
C LEU A 113 -6.59 5.88 7.28
N LYS A 114 -7.40 6.63 6.53
CA LYS A 114 -8.03 6.05 5.36
C LYS A 114 -7.00 5.56 4.35
N GLU A 115 -5.92 6.33 4.16
CA GLU A 115 -4.87 5.91 3.22
C GLU A 115 -4.22 4.61 3.66
N LEU A 116 -4.14 4.35 4.97
CA LEU A 116 -3.49 3.17 5.50
C LEU A 116 -4.44 1.99 5.68
N GLY A 117 -5.71 2.14 5.35
CA GLY A 117 -6.68 1.09 5.56
C GLY A 117 -7.43 1.16 6.87
N GLY A 118 -7.58 2.35 7.44
CA GLY A 118 -8.30 2.54 8.68
C GLY A 118 -7.45 2.29 9.90
N PRO A 119 -8.08 2.38 11.09
CA PRO A 119 -7.34 2.07 12.32
C PRO A 119 -6.65 0.72 12.29
N ALA A 120 -7.25 -0.28 11.66
CA ALA A 120 -6.62 -1.59 11.55
C ALA A 120 -5.28 -1.49 10.82
N GLY A 121 -5.19 -0.60 9.84
CA GLY A 121 -3.95 -0.43 9.11
C GLY A 121 -2.84 0.17 9.96
N LEU A 122 -3.17 1.15 10.80
CA LEU A 122 -2.16 1.68 11.70
C LEU A 122 -1.71 0.62 12.70
N THR A 123 -2.66 -0.15 13.24
CA THR A 123 -2.30 -1.22 14.16
C THR A 123 -1.39 -2.23 13.47
N ALA A 124 -1.69 -2.56 12.21
CA ALA A 124 -0.85 -3.49 11.47
C ALA A 124 0.57 -2.97 11.31
N PHE A 125 0.72 -1.65 11.05
CA PHE A 125 2.06 -1.09 10.98
C PHE A 125 2.79 -1.25 12.30
N MET A 126 2.10 -0.96 13.41
CA MET A 126 2.75 -1.08 14.71
C MET A 126 3.16 -2.52 14.99
N ARG A 127 2.33 -3.48 14.58
CA ARG A 127 2.74 -4.87 14.67
C ARG A 127 3.98 -5.14 13.83
N SER A 128 4.11 -4.47 12.68
CA SER A 128 5.24 -4.73 11.79
C SER A 128 6.57 -4.32 12.41
N ILE A 129 6.58 -3.39 13.37
CA ILE A 129 7.82 -3.03 14.04
C ILE A 129 7.96 -3.74 15.39
N GLY A 130 7.14 -4.77 15.65
CA GLY A 130 7.27 -5.55 16.85
C GLY A 130 6.49 -5.08 18.05
N ASP A 131 5.58 -4.12 17.87
CA ASP A 131 4.71 -3.64 18.94
C ASP A 131 3.44 -4.49 18.95
N THR A 132 3.32 -5.34 19.96
CA THR A 132 2.15 -6.20 20.12
C THR A 132 1.10 -5.62 21.08
N THR A 133 1.37 -4.46 21.67
CA THR A 133 0.48 -3.86 22.66
C THR A 133 -0.42 -2.78 22.06
N PHE A 134 0.13 -1.94 21.18
CA PHE A 134 -0.61 -0.87 20.55
C PHE A 134 -1.85 -1.41 19.85
N ARG A 135 -2.97 -0.71 20.02
CA ARG A 135 -4.14 -1.00 19.21
C ARG A 135 -4.91 0.29 18.97
N LEU A 136 -5.18 0.58 17.71
CA LEU A 136 -6.13 1.62 17.34
C LEU A 136 -7.33 0.92 16.72
N ASP A 137 -8.50 1.15 17.29
CA ASP A 137 -9.72 0.48 16.91
C ASP A 137 -10.73 1.39 16.24
N ARG A 138 -10.70 2.69 16.58
CA ARG A 138 -11.71 3.63 16.12
C ARG A 138 -11.03 4.84 15.51
N TRP A 139 -11.85 5.73 14.97
CA TRP A 139 -11.41 6.93 14.29
C TRP A 139 -11.58 8.15 15.20
N GLU A 140 -11.14 9.31 14.72
CA GLU A 140 -11.53 10.55 15.36
C GLU A 140 -12.99 10.85 15.02
N LEU A 141 -13.78 11.25 16.01
CA LEU A 141 -13.36 11.55 17.38
C LEU A 141 -13.64 10.43 18.38
N GLU A 142 -14.22 9.32 17.91
CA GLU A 142 -14.74 8.31 18.84
C GLU A 142 -13.62 7.67 19.67
N LEU A 143 -12.39 7.66 19.16
CA LEU A 143 -11.29 7.01 19.88
C LEU A 143 -10.93 7.70 21.18
N ASN A 144 -11.47 8.90 21.45
CA ASN A 144 -11.12 9.64 22.65
C ASN A 144 -12.01 9.34 23.84
N SER A 145 -12.91 8.35 23.75
CA SER A 145 -13.90 8.15 24.81
C SER A 145 -13.26 7.76 26.14
N ALA A 146 -12.15 7.03 26.11
CA ALA A 146 -11.32 6.78 27.30
C ALA A 146 -12.13 6.20 28.45
N ILE A 147 -13.07 5.32 28.13
CA ILE A 147 -13.96 4.77 29.15
C ILE A 147 -13.18 3.78 30.02
N PRO A 148 -13.30 3.86 31.35
CA PRO A 148 -12.58 2.92 32.22
C PRO A 148 -12.86 1.47 31.85
N GLY A 149 -11.79 0.69 31.78
CA GLY A 149 -11.85 -0.71 31.43
C GLY A 149 -11.69 -1.00 29.95
N ASP A 150 -11.94 -0.03 29.08
CA ASP A 150 -11.87 -0.25 27.64
C ASP A 150 -10.43 -0.35 27.18
N ALA A 151 -10.08 -1.45 26.51
CA ALA A 151 -8.76 -1.60 25.92
C ALA A 151 -8.65 -1.02 24.51
N ARG A 152 -9.77 -0.64 23.90
CA ARG A 152 -9.71 -0.06 22.56
C ARG A 152 -8.91 1.25 22.60
N ASP A 153 -8.11 1.47 21.56
CA ASP A 153 -7.41 2.73 21.35
C ASP A 153 -6.47 3.04 22.52
N THR A 154 -5.72 2.01 22.93
CA THR A 154 -4.79 2.13 24.05
C THR A 154 -3.44 1.57 23.65
N SER A 155 -2.45 1.90 24.47
CA SER A 155 -1.21 1.17 24.51
C SER A 155 -0.65 1.28 25.92
N SER A 156 0.58 0.82 26.10
CA SER A 156 1.23 0.93 27.40
C SER A 156 2.41 1.90 27.31
N PRO A 157 2.77 2.55 28.42
CA PRO A 157 3.94 3.44 28.38
C PRO A 157 5.21 2.76 27.85
N ARG A 158 5.42 1.49 28.22
CA ARG A 158 6.61 0.79 27.74
C ARG A 158 6.55 0.57 26.24
N ALA A 159 5.40 0.14 25.71
CA ALA A 159 5.33 -0.13 24.28
C ALA A 159 5.41 1.17 23.48
N VAL A 160 4.83 2.25 23.99
CA VAL A 160 4.95 3.54 23.32
C VAL A 160 6.41 3.95 23.23
N THR A 161 7.13 3.83 24.34
CA THR A 161 8.55 4.19 24.36
C THR A 161 9.35 3.29 23.43
N GLU A 162 9.12 1.97 23.50
CA GLU A 162 9.87 1.05 22.66
C GLU A 162 9.65 1.32 21.18
N SER A 163 8.40 1.62 20.79
CA SER A 163 8.14 1.89 19.38
C SER A 163 8.70 3.24 18.97
N LEU A 164 8.61 4.25 19.84
CA LEU A 164 9.19 5.55 19.54
C LEU A 164 10.69 5.44 19.34
N GLN A 165 11.36 4.62 20.15
CA GLN A 165 12.80 4.42 19.99
C GLN A 165 13.11 3.82 18.62
N LYS A 166 12.36 2.78 18.23
CA LYS A 166 12.60 2.13 16.94
C LYS A 166 12.43 3.10 15.78
N LEU A 167 11.45 4.00 15.89
CA LEU A 167 11.12 4.87 14.77
C LEU A 167 12.02 6.09 14.68
N THR A 168 12.48 6.60 15.82
CA THR A 168 13.28 7.84 15.82
C THR A 168 14.77 7.57 15.84
N LEU A 169 15.20 6.47 16.43
CA LEU A 169 16.61 6.18 16.62
C LEU A 169 17.07 4.86 16.02
N GLY A 170 16.16 3.89 15.86
CA GLY A 170 16.46 2.61 15.27
C GLY A 170 16.39 2.62 13.75
N SER A 171 16.19 1.43 13.19
CA SER A 171 16.28 1.24 11.74
C SER A 171 14.92 1.10 11.07
N ALA A 172 13.83 1.39 11.78
CA ALA A 172 12.50 1.24 11.18
C ALA A 172 12.29 2.21 10.03
N LEU A 173 12.79 3.44 10.16
CA LEU A 173 12.69 4.43 9.10
C LEU A 173 14.05 4.65 8.46
N ALA A 174 14.05 4.80 7.13
CA ALA A 174 15.25 5.24 6.44
C ALA A 174 15.60 6.66 6.86
N ALA A 175 16.87 7.01 6.67
CA ALA A 175 17.37 8.30 7.17
C ALA A 175 16.53 9.50 6.72
N PRO A 176 16.13 9.64 5.44
CA PRO A 176 15.32 10.82 5.10
C PRO A 176 13.99 10.84 5.84
N GLN A 177 13.30 9.70 5.88
CA GLN A 177 12.04 9.61 6.62
C GLN A 177 12.25 9.80 8.11
N ARG A 178 13.33 9.23 8.65
CA ARG A 178 13.61 9.36 10.07
C ARG A 178 13.80 10.82 10.47
N GLN A 179 14.58 11.52 9.64
CA GLN A 179 14.88 12.96 9.82
C GLN A 179 13.55 13.73 9.82
N GLN A 180 12.68 13.44 8.85
CA GLN A 180 11.36 14.10 8.69
C GLN A 180 10.51 13.89 9.95
N PHE A 181 10.46 12.65 10.46
CA PHE A 181 9.67 12.35 11.66
C PHE A 181 10.23 13.08 12.88
N VAL A 182 11.54 13.00 13.07
CA VAL A 182 12.17 13.69 14.19
C VAL A 182 11.91 15.19 14.12
N ASP A 183 12.02 15.78 12.92
CA ASP A 183 11.79 17.21 12.78
C ASP A 183 10.35 17.58 13.12
N TRP A 184 9.38 16.76 12.72
CA TRP A 184 8.00 17.03 13.08
C TRP A 184 7.81 16.98 14.60
N LEU A 185 8.41 15.99 15.26
CA LEU A 185 8.30 15.92 16.71
C LEU A 185 9.01 17.08 17.38
N LYS A 186 10.20 17.45 16.90
CA LYS A 186 10.96 18.52 17.54
C LYS A 186 10.28 19.86 17.37
N GLY A 187 9.59 20.08 16.26
CA GLY A 187 8.88 21.31 16.00
C GLY A 187 7.48 21.33 16.58
N ASN A 188 7.09 20.30 17.32
CA ASN A 188 5.75 20.24 17.87
C ASN A 188 5.60 21.31 18.94
N PRO A 189 4.56 22.15 18.86
CA PRO A 189 4.40 23.22 19.87
C PRO A 189 3.30 22.97 20.90
N THR A 190 2.70 21.79 20.95
CA THR A 190 1.59 21.52 21.86
C THR A 190 2.02 20.94 23.20
N GLY A 191 3.32 20.70 23.40
CA GLY A 191 3.75 20.04 24.62
C GLY A 191 4.68 20.83 25.51
N ASN A 192 4.60 22.17 25.46
CA ASN A 192 5.54 22.99 26.21
C ASN A 192 5.39 22.83 27.71
N HIS A 193 4.21 22.41 28.18
CA HIS A 193 3.95 22.23 29.60
C HIS A 193 4.00 20.77 30.03
N ARG A 194 4.46 19.87 29.17
CA ARG A 194 4.48 18.46 29.53
C ARG A 194 5.92 17.99 29.63
N ILE A 195 6.35 16.99 28.85
CA ILE A 195 7.70 16.47 29.03
C ILE A 195 8.74 17.57 28.84
N ARG A 196 8.51 18.48 27.89
CA ARG A 196 9.46 19.55 27.63
C ARG A 196 9.74 20.40 28.87
N ALA A 197 8.74 20.57 29.74
CA ALA A 197 8.93 21.40 30.92
C ALA A 197 9.86 20.77 31.96
N ALA A 198 10.18 19.49 31.80
CA ALA A 198 11.08 18.79 32.71
C ALA A 198 12.51 18.75 32.20
N VAL A 199 12.77 19.29 31.01
CA VAL A 199 14.06 19.13 30.35
C VAL A 199 14.79 20.47 30.31
N PRO A 200 16.10 20.49 30.56
CA PRO A 200 16.86 21.73 30.39
C PRO A 200 16.70 22.30 28.99
N ALA A 201 16.67 23.64 28.91
CA ALA A 201 16.33 24.31 27.66
C ALA A 201 17.34 24.01 26.56
N ASP A 202 18.61 23.77 26.91
CA ASP A 202 19.64 23.55 25.92
C ASP A 202 19.59 22.14 25.31
N TRP A 203 18.76 21.25 25.84
CA TRP A 203 18.61 19.90 25.31
C TRP A 203 17.40 19.83 24.38
N ALA A 204 17.61 19.32 23.18
CA ALA A 204 16.54 19.23 22.19
C ALA A 204 15.53 18.16 22.60
N VAL A 205 14.26 18.42 22.28
CA VAL A 205 13.17 17.53 22.64
C VAL A 205 12.20 17.47 21.47
N GLY A 206 11.77 16.27 21.11
CA GLY A 206 10.66 16.08 20.19
C GLY A 206 9.57 15.27 20.88
N ASP A 207 8.32 15.70 20.74
CA ASP A 207 7.24 15.07 21.48
C ASP A 207 5.96 15.06 20.67
N LYS A 208 5.02 14.23 21.12
CA LYS A 208 3.64 14.27 20.64
C LYS A 208 2.72 14.08 21.83
N THR A 209 1.75 14.98 21.99
CA THR A 209 0.81 14.98 23.09
C THR A 209 -0.49 14.28 22.70
N GLY A 210 -1.27 13.94 23.72
CA GLY A 210 -2.65 13.51 23.55
C GLY A 210 -3.50 14.06 24.68
N THR A 211 -4.73 14.48 24.37
CA THR A 211 -5.63 15.04 25.39
C THR A 211 -7.05 14.59 25.05
N CYS A 212 -7.53 13.53 25.71
CA CYS A 212 -8.83 12.97 25.36
C CYS A 212 -9.96 13.93 25.68
N GLY A 213 -9.82 14.76 26.72
CA GLY A 213 -10.87 15.68 27.10
C GLY A 213 -11.82 15.15 28.15
N VAL A 214 -11.67 13.88 28.52
CA VAL A 214 -12.52 13.24 29.52
C VAL A 214 -11.65 12.33 30.38
N TYR A 215 -12.18 11.98 31.55
CA TYR A 215 -11.57 10.99 32.44
C TYR A 215 -10.12 11.33 32.78
N GLY A 216 -9.80 12.62 32.88
CA GLY A 216 -8.47 13.08 33.23
C GLY A 216 -7.36 12.42 32.43
N THR A 217 -7.65 12.13 31.17
CA THR A 217 -6.81 11.26 30.34
C THR A 217 -6.03 12.12 29.36
N ALA A 218 -4.72 12.17 29.55
CA ALA A 218 -3.83 12.98 28.71
C ALA A 218 -2.44 12.38 28.82
N ASN A 219 -1.58 12.76 27.89
CA ASN A 219 -0.31 12.05 27.80
C ASN A 219 0.67 12.85 26.95
N ASP A 220 1.89 12.32 26.86
CA ASP A 220 2.98 12.88 26.09
C ASP A 220 4.05 11.80 25.97
N TYR A 221 4.66 11.68 24.80
CA TYR A 221 5.88 10.90 24.69
C TYR A 221 6.93 11.73 23.97
N ALA A 222 8.19 11.40 24.22
CA ALA A 222 9.24 12.29 23.74
C ALA A 222 10.55 11.55 23.56
N VAL A 223 11.38 12.07 22.65
CA VAL A 223 12.79 11.79 22.60
C VAL A 223 13.53 13.01 23.10
N VAL A 224 14.51 12.79 23.98
CA VAL A 224 15.31 13.86 24.57
C VAL A 224 16.75 13.62 24.16
N TRP A 225 17.39 14.66 23.62
CA TRP A 225 18.80 14.60 23.22
C TRP A 225 19.65 15.37 24.21
N PRO A 226 20.15 14.76 25.28
CA PRO A 226 21.11 15.47 26.12
C PRO A 226 22.38 15.72 25.34
N THR A 227 22.91 16.92 25.49
CA THR A 227 24.07 17.36 24.73
C THR A 227 25.24 16.37 24.85
N GLY A 228 25.60 15.77 23.72
CA GLY A 228 26.75 14.88 23.67
C GLY A 228 26.59 13.61 24.48
N ARG A 229 25.36 13.17 24.68
CA ARG A 229 25.05 11.96 25.41
C ARG A 229 24.05 11.17 24.60
N ALA A 230 23.87 9.90 24.97
CA ALA A 230 22.89 9.09 24.28
C ALA A 230 21.48 9.64 24.53
N PRO A 231 20.61 9.62 23.53
CA PRO A 231 19.25 10.15 23.72
C PRO A 231 18.44 9.29 24.68
N ILE A 232 17.39 9.92 25.19
CA ILE A 232 16.43 9.28 26.10
C ILE A 232 15.09 9.23 25.38
N VAL A 233 14.38 8.12 25.57
CA VAL A 233 13.01 7.99 25.08
C VAL A 233 12.11 7.74 26.28
N LEU A 234 10.96 8.42 26.32
CA LEU A 234 10.09 8.24 27.46
C LEU A 234 8.64 8.52 27.09
N ALA A 235 7.74 8.01 27.92
CA ALA A 235 6.30 8.14 27.73
C ALA A 235 5.65 8.34 29.10
N VAL A 236 4.71 9.28 29.17
CA VAL A 236 3.96 9.57 30.39
C VAL A 236 2.48 9.62 30.04
N TYR A 237 1.69 8.76 30.66
CA TYR A 237 0.27 8.64 30.37
C TYR A 237 -0.53 8.74 31.66
N THR A 238 -1.68 9.41 31.61
CA THR A 238 -2.54 9.56 32.78
C THR A 238 -3.98 9.20 32.43
N ARG A 239 -4.72 8.84 33.47
CA ARG A 239 -6.16 8.67 33.40
C ARG A 239 -6.70 8.84 34.81
N ALA A 240 -8.01 9.00 34.91
CA ALA A 240 -8.66 9.28 36.18
C ALA A 240 -10.04 8.66 36.16
N PRO A 241 -10.62 8.37 37.34
CA PRO A 241 -11.85 7.55 37.37
C PRO A 241 -13.12 8.26 36.94
N ASN A 242 -13.20 9.58 37.10
CA ASN A 242 -14.45 10.30 36.86
C ASN A 242 -14.40 10.99 35.51
N LYS A 243 -15.54 11.00 34.80
CA LYS A 243 -15.57 11.56 33.45
C LYS A 243 -15.16 13.02 33.42
N ASP A 244 -15.50 13.78 34.46
CA ASP A 244 -15.15 15.19 34.51
C ASP A 244 -13.89 15.46 35.31
N ASP A 245 -13.14 14.43 35.68
CA ASP A 245 -11.81 14.65 36.26
C ASP A 245 -10.93 15.39 35.26
N LYS A 246 -10.28 16.44 35.72
CA LYS A 246 -9.47 17.28 34.87
C LYS A 246 -8.08 16.67 34.70
N HIS A 247 -7.60 16.65 33.46
CA HIS A 247 -6.21 16.27 33.26
C HIS A 247 -5.29 17.38 33.77
N SER A 248 -4.03 17.02 33.97
CA SER A 248 -3.06 17.95 34.53
C SER A 248 -1.78 17.86 33.71
N GLU A 249 -1.41 18.97 33.08
CA GLU A 249 -0.11 19.04 32.42
C GLU A 249 1.02 19.06 33.44
N ALA A 250 0.80 19.71 34.58
CA ALA A 250 1.82 19.76 35.62
C ALA A 250 2.18 18.36 36.11
N VAL A 251 1.18 17.48 36.21
CA VAL A 251 1.43 16.12 36.67
C VAL A 251 2.27 15.36 35.65
N ILE A 252 2.01 15.58 34.36
CA ILE A 252 2.82 14.94 33.32
C ILE A 252 4.26 15.44 33.38
N ALA A 253 4.43 16.75 33.52
CA ALA A 253 5.78 17.31 33.62
C ALA A 253 6.51 16.79 34.86
N ALA A 254 5.80 16.73 36.00
CA ALA A 254 6.43 16.25 37.22
C ALA A 254 6.83 14.78 37.11
N ALA A 255 5.95 13.95 36.52
CA ALA A 255 6.28 12.55 36.31
C ALA A 255 7.44 12.39 35.33
N ALA A 256 7.47 13.20 34.28
CA ALA A 256 8.60 13.16 33.36
C ALA A 256 9.91 13.50 34.07
N ARG A 257 9.88 14.52 34.94
CA ARG A 257 11.07 14.90 35.68
C ARG A 257 11.54 13.76 36.58
N LEU A 258 10.61 13.12 37.28
CA LEU A 258 10.95 11.98 38.13
C LEU A 258 11.62 10.87 37.32
N ALA A 259 11.08 10.57 36.14
CA ALA A 259 11.66 9.50 35.33
C ALA A 259 13.05 9.87 34.83
N LEU A 260 13.19 11.10 34.31
CA LEU A 260 14.49 11.52 33.79
C LEU A 260 15.53 11.58 34.89
N GLU A 261 15.15 12.06 36.07
CA GLU A 261 16.04 12.10 37.22
C GLU A 261 16.37 10.72 37.78
N GLY A 262 15.66 9.67 37.40
CA GLY A 262 15.93 8.37 37.96
C GLY A 262 16.76 7.46 37.08
N LEU A 263 17.13 7.91 35.89
CA LEU A 263 17.82 7.05 34.93
C LEU A 263 19.28 6.89 35.32
N GLY A 264 19.72 5.64 35.44
CA GLY A 264 21.11 5.34 35.73
C GLY A 264 21.97 5.65 34.53
N THR B 1 -28.87 -16.67 -19.78
CA THR B 1 -27.44 -16.87 -19.45
C THR B 1 -27.12 -18.37 -19.52
N ASN B 2 -28.15 -19.20 -19.42
CA ASN B 2 -27.93 -20.67 -19.51
C ASN B 2 -27.59 -21.02 -20.95
N LEU B 3 -28.05 -20.25 -21.96
CA LEU B 3 -27.74 -20.79 -23.28
C LEU B 3 -26.42 -20.25 -23.78
N VAL B 4 -26.00 -19.09 -23.27
CA VAL B 4 -24.65 -18.59 -23.50
C VAL B 4 -23.62 -19.52 -22.87
N ALA B 5 -23.88 -19.96 -21.64
CA ALA B 5 -22.87 -20.69 -20.87
C ALA B 5 -22.66 -22.11 -21.36
N GLU B 6 -23.70 -22.72 -21.94
CA GLU B 6 -23.67 -24.16 -22.20
C GLU B 6 -22.46 -24.63 -23.01
N PRO B 7 -22.09 -24.02 -24.14
CA PRO B 7 -20.93 -24.53 -24.89
C PRO B 7 -19.61 -24.38 -24.14
N PHE B 8 -19.49 -23.40 -23.23
CA PHE B 8 -18.27 -23.27 -22.45
C PHE B 8 -18.11 -24.42 -21.48
N ALA B 9 -19.20 -24.81 -20.80
CA ALA B 9 -19.14 -25.93 -19.86
C ALA B 9 -18.77 -27.22 -20.59
N LYS B 10 -19.30 -27.41 -21.79
CA LYS B 10 -18.93 -28.54 -22.63
C LYS B 10 -17.43 -28.54 -22.91
N LEU B 11 -16.87 -27.37 -23.21
CA LEU B 11 -15.46 -27.26 -23.55
C LEU B 11 -14.59 -27.62 -22.35
N GLU B 12 -14.96 -27.16 -21.16
CA GLU B 12 -14.12 -27.43 -20.00
C GLU B 12 -14.26 -28.86 -19.47
N GLN B 13 -15.32 -29.58 -19.84
CA GLN B 13 -15.38 -31.00 -19.48
C GLN B 13 -14.31 -31.80 -20.21
N ASP B 14 -14.05 -31.47 -21.48
CA ASP B 14 -12.98 -32.14 -22.20
C ASP B 14 -11.61 -31.62 -21.79
N PHE B 15 -11.53 -30.35 -21.40
CA PHE B 15 -10.25 -29.79 -20.98
C PHE B 15 -9.83 -30.29 -19.61
N GLY B 16 -10.79 -30.57 -18.73
CA GLY B 16 -10.47 -31.03 -17.40
C GLY B 16 -10.11 -29.93 -16.41
N GLY B 17 -10.56 -28.72 -16.65
CA GLY B 17 -10.29 -27.63 -15.75
C GLY B 17 -11.33 -26.55 -15.91
N SER B 18 -10.97 -25.33 -15.53
CA SER B 18 -11.87 -24.19 -15.58
C SER B 18 -11.44 -23.22 -16.67
N ILE B 19 -12.43 -22.66 -17.36
CA ILE B 19 -12.22 -21.68 -18.41
C ILE B 19 -12.99 -20.42 -18.03
N GLY B 20 -12.31 -19.28 -18.08
CA GLY B 20 -12.96 -18.02 -17.79
C GLY B 20 -12.89 -17.10 -18.99
N VAL B 21 -14.02 -16.49 -19.36
CA VAL B 21 -14.11 -15.71 -20.58
C VAL B 21 -14.93 -14.45 -20.31
N TYR B 22 -14.47 -13.32 -20.84
CA TYR B 22 -15.29 -12.12 -20.91
C TYR B 22 -14.99 -11.44 -22.23
N ALA B 23 -16.03 -11.06 -22.96
CA ALA B 23 -15.88 -10.40 -24.25
C ALA B 23 -16.83 -9.21 -24.31
N MET B 24 -16.37 -8.12 -24.91
CA MET B 24 -17.12 -6.88 -24.99
C MET B 24 -17.08 -6.32 -26.42
N ASP B 25 -18.26 -6.03 -26.98
CA ASP B 25 -18.36 -5.27 -28.23
C ASP B 25 -18.43 -3.79 -27.88
N THR B 26 -17.39 -3.04 -28.23
CA THR B 26 -17.28 -1.65 -27.82
C THR B 26 -18.23 -0.72 -28.56
N GLY B 27 -18.93 -1.21 -29.58
CA GLY B 27 -19.88 -0.37 -30.28
C GLY B 27 -21.26 -0.46 -29.69
N SER B 28 -21.74 -1.70 -29.49
CA SER B 28 -23.09 -1.95 -29.01
C SER B 28 -23.17 -2.19 -27.51
N GLY B 29 -22.05 -2.46 -26.85
CA GLY B 29 -22.07 -2.82 -25.44
C GLY B 29 -22.40 -4.25 -25.14
N ALA B 30 -22.61 -5.09 -26.16
CA ALA B 30 -22.91 -6.50 -25.95
C ALA B 30 -21.72 -7.21 -25.32
N THR B 31 -22.01 -8.20 -24.48
CA THR B 31 -20.97 -8.94 -23.79
C THR B 31 -21.28 -10.44 -23.80
N VAL B 32 -20.23 -11.22 -23.55
CA VAL B 32 -20.34 -12.65 -23.28
C VAL B 32 -19.52 -12.93 -22.02
N SER B 33 -20.13 -13.66 -21.07
CA SER B 33 -19.49 -13.91 -19.78
C SER B 33 -19.58 -15.39 -19.44
N TYR B 34 -18.47 -15.95 -18.98
CA TYR B 34 -18.46 -17.30 -18.42
C TYR B 34 -17.36 -17.36 -17.38
N ARG B 35 -17.71 -17.59 -16.12
CA ARG B 35 -16.77 -17.53 -15.00
C ARG B 35 -15.97 -16.22 -15.04
N ALA B 36 -16.63 -15.14 -15.49
CA ALA B 36 -15.91 -13.93 -15.83
C ALA B 36 -15.38 -13.20 -14.60
N GLU B 37 -15.94 -13.46 -13.43
CA GLU B 37 -15.51 -12.81 -12.21
C GLU B 37 -14.71 -13.73 -11.30
N GLU B 38 -14.44 -14.97 -11.73
CA GLU B 38 -13.54 -15.84 -10.99
C GLU B 38 -12.10 -15.41 -11.20
N ARG B 39 -11.26 -15.70 -10.21
CA ARG B 39 -9.84 -15.36 -10.30
C ARG B 39 -9.07 -16.46 -11.01
N PHE B 40 -8.17 -16.04 -11.89
CA PHE B 40 -7.24 -16.91 -12.59
C PHE B 40 -5.85 -16.31 -12.48
N PRO B 41 -4.82 -17.14 -12.42
CA PRO B 41 -3.45 -16.60 -12.41
C PRO B 41 -3.16 -15.80 -13.68
N LEU B 42 -2.46 -14.67 -13.51
CA LEU B 42 -2.11 -13.83 -14.64
C LEU B 42 -1.03 -14.48 -15.50
N CYS B 43 -0.10 -15.19 -14.88
CA CYS B 43 1.12 -15.61 -15.56
C CYS B 43 1.72 -14.41 -16.28
N GLY B 44 2.29 -14.61 -17.46
CA GLY B 44 2.93 -13.50 -18.16
C GLY B 44 1.98 -12.47 -18.75
N SER B 45 0.67 -12.69 -18.68
CA SER B 45 -0.24 -11.71 -19.26
C SER B 45 -0.18 -10.36 -18.54
N PHE B 46 0.37 -10.31 -17.33
CA PHE B 46 0.54 -9.01 -16.68
C PHE B 46 1.47 -8.10 -17.48
N LYS B 47 2.33 -8.67 -18.33
CA LYS B 47 3.34 -7.89 -19.02
C LYS B 47 2.74 -6.88 -19.99
N GLY B 48 1.52 -7.10 -20.47
CA GLY B 48 0.86 -6.08 -21.26
C GLY B 48 0.50 -4.85 -20.44
N PHE B 49 -0.15 -5.08 -19.29
CA PHE B 49 -0.47 -3.97 -18.40
C PHE B 49 0.79 -3.32 -17.85
N LEU B 50 1.86 -4.09 -17.68
CA LEU B 50 3.15 -3.52 -17.29
C LEU B 50 3.59 -2.45 -18.28
N ALA B 51 3.53 -2.77 -19.58
CA ALA B 51 3.93 -1.79 -20.59
C ALA B 51 3.01 -0.57 -20.57
N ALA B 52 1.71 -0.79 -20.37
CA ALA B 52 0.80 0.35 -20.27
C ALA B 52 1.13 1.23 -19.08
N ALA B 53 1.49 0.62 -17.94
CA ALA B 53 1.87 1.39 -16.77
C ALA B 53 3.15 2.19 -17.03
N VAL B 54 4.09 1.60 -17.76
CA VAL B 54 5.31 2.31 -18.12
C VAL B 54 4.97 3.51 -19.01
N LEU B 55 4.08 3.31 -19.98
CA LEU B 55 3.65 4.40 -20.85
C LEU B 55 2.99 5.52 -20.05
N ALA B 56 2.15 5.16 -19.09
CA ALA B 56 1.50 6.19 -18.27
C ALA B 56 2.54 7.01 -17.52
N ARG B 57 3.58 6.32 -17.03
CA ARG B 57 4.69 7.00 -16.30
C ARG B 57 5.43 7.93 -17.27
N SER B 58 5.59 7.51 -18.53
CA SER B 58 6.33 8.30 -19.50
C SER B 58 5.61 9.59 -19.85
N GLN B 59 4.30 9.66 -19.60
CA GLN B 59 3.57 10.91 -19.84
C GLN B 59 4.06 12.03 -18.94
N GLN B 60 4.53 11.69 -17.74
CA GLN B 60 5.07 12.67 -16.81
C GLN B 60 6.59 12.71 -16.79
N GLN B 61 7.25 11.77 -17.44
CA GLN B 61 8.70 11.67 -17.40
C GLN B 61 9.20 11.56 -18.83
N ALA B 62 9.43 12.71 -19.45
CA ALA B 62 9.96 12.74 -20.80
C ALA B 62 11.34 12.11 -20.80
N GLY B 63 11.60 11.25 -21.79
CA GLY B 63 12.84 10.53 -21.90
C GLY B 63 12.95 9.28 -21.06
N LEU B 64 11.90 8.92 -20.32
CA LEU B 64 11.89 7.63 -19.65
C LEU B 64 12.03 6.51 -20.67
N LEU B 65 11.25 6.58 -21.76
CA LEU B 65 11.28 5.52 -22.75
C LEU B 65 12.63 5.39 -23.41
N ASP B 66 13.37 6.49 -23.54
CA ASP B 66 14.68 6.46 -24.17
C ASP B 66 15.80 6.16 -23.19
N THR B 67 15.50 6.03 -21.89
CA THR B 67 16.55 5.77 -20.91
C THR B 67 17.14 4.38 -21.14
N PRO B 68 18.45 4.25 -21.38
CA PRO B 68 19.05 2.92 -21.43
C PRO B 68 19.15 2.34 -20.03
N ILE B 69 18.75 1.09 -19.89
CA ILE B 69 18.90 0.33 -18.65
C ILE B 69 20.03 -0.64 -18.87
N ARG B 70 21.14 -0.43 -18.16
CA ARG B 70 22.33 -1.26 -18.26
C ARG B 70 22.36 -2.16 -17.03
N TYR B 71 22.27 -3.47 -17.27
CA TYR B 71 22.05 -4.43 -16.19
C TYR B 71 23.18 -5.47 -16.13
N GLY B 72 23.24 -6.14 -14.98
CA GLY B 72 24.14 -7.24 -14.75
C GLY B 72 23.46 -8.60 -14.91
N LYS B 73 24.26 -9.65 -14.71
CA LYS B 73 23.73 -11.00 -14.87
C LYS B 73 22.59 -11.31 -13.90
N ASN B 74 22.50 -10.61 -12.77
CA ASN B 74 21.42 -10.89 -11.83
C ASN B 74 20.04 -10.52 -12.38
N ALA B 75 19.98 -9.67 -13.41
CA ALA B 75 18.69 -9.38 -14.02
C ALA B 75 18.19 -10.52 -14.87
N LEU B 76 19.07 -11.42 -15.30
CA LEU B 76 18.67 -12.45 -16.26
C LEU B 76 18.03 -13.65 -15.58
N VAL B 77 16.91 -14.10 -16.15
CA VAL B 77 16.25 -15.34 -15.76
C VAL B 77 15.86 -16.07 -17.03
N PRO B 78 15.53 -17.37 -16.94
CA PRO B 78 15.11 -18.11 -18.12
C PRO B 78 13.91 -17.46 -18.81
N TRP B 79 13.78 -17.75 -20.10
CA TRP B 79 12.78 -17.13 -20.98
C TRP B 79 12.94 -15.62 -21.00
N SER B 80 14.16 -15.19 -21.30
CA SER B 80 14.48 -13.79 -21.51
C SER B 80 15.27 -13.68 -22.81
N PRO B 81 14.66 -14.10 -23.93
CA PRO B 81 15.45 -14.27 -25.17
C PRO B 81 16.01 -12.97 -25.71
N ILE B 82 15.38 -11.84 -25.42
CA ILE B 82 15.87 -10.56 -25.90
C ILE B 82 16.88 -9.95 -24.94
N SER B 83 16.54 -9.89 -23.65
CA SER B 83 17.46 -9.28 -22.69
C SER B 83 18.76 -10.06 -22.60
N GLU B 84 18.73 -11.38 -22.80
CA GLU B 84 19.95 -12.17 -22.78
C GLU B 84 20.93 -11.73 -23.86
N LYS B 85 20.42 -11.21 -24.97
CA LYS B 85 21.29 -10.83 -26.07
C LYS B 85 21.99 -9.50 -25.86
N TYR B 86 21.50 -8.66 -24.95
CA TYR B 86 22.00 -7.31 -24.78
C TYR B 86 22.68 -7.08 -23.44
N LEU B 87 23.13 -8.15 -22.78
CA LEU B 87 23.83 -7.99 -21.50
C LEU B 87 25.04 -7.08 -21.64
N THR B 88 25.74 -7.17 -22.77
CA THR B 88 26.96 -6.39 -22.97
C THR B 88 26.70 -4.95 -23.40
N THR B 89 25.44 -4.54 -23.58
CA THR B 89 25.15 -3.17 -24.02
C THR B 89 24.05 -2.49 -23.22
N GLY B 90 23.01 -3.21 -22.84
CA GLY B 90 21.84 -2.60 -22.24
C GLY B 90 20.70 -2.46 -23.23
N MET B 91 19.55 -2.06 -22.70
CA MET B 91 18.34 -1.85 -23.47
C MET B 91 17.62 -0.62 -22.94
N THR B 92 16.96 0.10 -23.84
CA THR B 92 16.15 1.22 -23.38
C THR B 92 14.84 0.70 -22.80
N VAL B 93 14.16 1.59 -22.05
CA VAL B 93 12.88 1.22 -21.46
C VAL B 93 11.87 0.84 -22.55
N ALA B 94 11.92 1.55 -23.69
CA ALA B 94 11.02 1.20 -24.78
C ALA B 94 11.37 -0.16 -25.37
N GLU B 95 12.66 -0.46 -25.52
CA GLU B 95 13.06 -1.79 -25.99
C GLU B 95 12.63 -2.86 -25.01
N LEU B 96 12.79 -2.61 -23.71
CA LEU B 96 12.38 -3.57 -22.70
C LEU B 96 10.87 -3.79 -22.74
N SER B 97 10.10 -2.72 -22.92
CA SER B 97 8.64 -2.85 -22.97
C SER B 97 8.20 -3.69 -24.15
N ALA B 98 8.76 -3.42 -25.33
CA ALA B 98 8.45 -4.23 -26.50
C ALA B 98 8.85 -5.69 -26.28
N ALA B 99 10.00 -5.92 -25.65
CA ALA B 99 10.43 -7.30 -25.39
C ALA B 99 9.49 -7.99 -24.42
N ALA B 100 9.05 -7.28 -23.37
CA ALA B 100 8.16 -7.89 -22.40
C ALA B 100 6.82 -8.26 -23.02
N VAL B 101 6.32 -7.43 -23.93
CA VAL B 101 5.01 -7.67 -24.53
C VAL B 101 5.09 -8.73 -25.63
N GLN B 102 6.07 -8.61 -26.53
CA GLN B 102 6.07 -9.40 -27.74
C GLN B 102 6.87 -10.70 -27.62
N TYR B 103 7.80 -10.78 -26.69
CA TYR B 103 8.52 -12.01 -26.43
C TYR B 103 8.32 -12.53 -25.01
N SER B 104 7.46 -11.87 -24.22
CA SER B 104 7.22 -12.25 -22.83
C SER B 104 8.53 -12.32 -22.05
N ASP B 105 9.47 -11.46 -22.42
CA ASP B 105 10.81 -11.48 -21.83
C ASP B 105 10.74 -11.25 -20.33
N ASN B 106 11.22 -12.22 -19.56
CA ASN B 106 11.04 -12.17 -18.11
C ASN B 106 11.98 -11.16 -17.46
N ALA B 107 13.25 -11.16 -17.86
CA ALA B 107 14.19 -10.18 -17.31
C ALA B 107 13.73 -8.76 -17.60
N ALA B 108 13.24 -8.52 -18.82
CA ALA B 108 12.70 -7.21 -19.15
C ALA B 108 11.53 -6.85 -18.26
N ALA B 109 10.64 -7.81 -17.99
CA ALA B 109 9.51 -7.54 -17.11
C ALA B 109 9.97 -7.15 -15.72
N ASN B 110 10.94 -7.86 -15.16
CA ASN B 110 11.43 -7.53 -13.83
C ASN B 110 12.13 -6.17 -13.81
N LEU B 111 12.87 -5.85 -14.87
CA LEU B 111 13.51 -4.54 -14.93
C LEU B 111 12.47 -3.43 -14.98
N LEU B 112 11.39 -3.64 -15.74
CA LEU B 112 10.33 -2.63 -15.79
C LEU B 112 9.56 -2.57 -14.50
N LEU B 113 9.34 -3.72 -13.84
CA LEU B 113 8.71 -3.70 -12.52
C LEU B 113 9.52 -2.86 -11.55
N LYS B 114 10.85 -3.01 -11.58
CA LYS B 114 11.71 -2.21 -10.72
C LYS B 114 11.50 -0.72 -10.98
N GLU B 115 11.37 -0.33 -12.26
CA GLU B 115 11.13 1.06 -12.57
C GLU B 115 9.82 1.56 -11.97
N LEU B 116 8.81 0.69 -11.86
CA LEU B 116 7.49 1.09 -11.40
C LEU B 116 7.30 0.97 -9.90
N GLY B 117 8.31 0.53 -9.17
CA GLY B 117 8.15 0.29 -7.75
C GLY B 117 7.75 -1.12 -7.39
N GLY B 118 8.04 -2.09 -8.26
CA GLY B 118 7.74 -3.47 -7.97
C GLY B 118 6.32 -3.84 -8.32
N PRO B 119 5.95 -5.09 -8.04
CA PRO B 119 4.57 -5.54 -8.28
C PRO B 119 3.51 -4.62 -7.66
N ALA B 120 3.78 -4.09 -6.47
CA ALA B 120 2.83 -3.17 -5.85
C ALA B 120 2.63 -1.92 -6.70
N GLY B 121 3.69 -1.46 -7.37
CA GLY B 121 3.55 -0.29 -8.23
C GLY B 121 2.66 -0.54 -9.43
N LEU B 122 2.79 -1.71 -10.06
CA LEU B 122 1.88 -2.05 -11.15
C LEU B 122 0.46 -2.20 -10.65
N THR B 123 0.28 -2.85 -9.50
CA THR B 123 -1.05 -2.98 -8.92
C THR B 123 -1.65 -1.60 -8.63
N ALA B 124 -0.82 -0.67 -8.13
CA ALA B 124 -1.31 0.68 -7.87
C ALA B 124 -1.77 1.36 -9.15
N PHE B 125 -1.04 1.15 -10.26
CA PHE B 125 -1.49 1.72 -11.52
C PHE B 125 -2.84 1.17 -11.92
N MET B 126 -3.03 -0.14 -11.79
CA MET B 126 -4.30 -0.75 -12.16
C MET B 126 -5.43 -0.24 -11.28
N ARG B 127 -5.17 -0.03 -9.98
CA ARG B 127 -6.18 0.58 -9.12
C ARG B 127 -6.52 1.99 -9.60
N SER B 128 -5.54 2.73 -10.13
CA SER B 128 -5.77 4.10 -10.52
C SER B 128 -6.73 4.21 -11.71
N ILE B 129 -6.85 3.16 -12.52
CA ILE B 129 -7.82 3.16 -13.62
C ILE B 129 -9.09 2.41 -13.24
N GLY B 130 -9.30 2.15 -11.96
CA GLY B 130 -10.54 1.55 -11.49
C GLY B 130 -10.58 0.05 -11.46
N ASP B 131 -9.46 -0.63 -11.67
CA ASP B 131 -9.40 -2.08 -11.59
C ASP B 131 -9.11 -2.46 -10.14
N THR B 132 -10.13 -2.97 -9.45
CA THR B 132 -10.01 -3.40 -8.06
C THR B 132 -9.72 -4.89 -7.94
N THR B 133 -9.68 -5.61 -9.06
CA THR B 133 -9.48 -7.05 -9.06
C THR B 133 -8.03 -7.46 -9.30
N PHE B 134 -7.37 -6.81 -10.24
CA PHE B 134 -5.98 -7.11 -10.57
C PHE B 134 -5.11 -7.03 -9.33
N ARG B 135 -4.25 -8.03 -9.16
CA ARG B 135 -3.20 -7.93 -8.16
C ARG B 135 -1.96 -8.65 -8.67
N LEU B 136 -0.84 -7.94 -8.69
CA LEU B 136 0.46 -8.56 -8.87
C LEU B 136 1.21 -8.42 -7.56
N ASP B 137 1.65 -9.53 -7.01
CA ASP B 137 2.28 -9.57 -5.69
C ASP B 137 3.76 -9.94 -5.76
N ARG B 138 4.15 -10.73 -6.76
CA ARG B 138 5.50 -11.27 -6.83
C ARG B 138 6.10 -10.96 -8.19
N TRP B 139 7.37 -11.32 -8.34
CA TRP B 139 8.16 -11.06 -9.53
C TRP B 139 8.28 -12.33 -10.36
N GLU B 140 8.92 -12.21 -11.52
CA GLU B 140 9.33 -13.40 -12.25
C GLU B 140 10.52 -14.05 -11.52
N LEU B 141 10.50 -15.38 -11.42
CA LEU B 141 9.53 -16.26 -12.06
C LEU B 141 8.47 -16.74 -11.08
N GLU B 142 8.58 -16.28 -9.83
CA GLU B 142 7.79 -16.87 -8.75
C GLU B 142 6.29 -16.65 -8.97
N LEU B 143 5.91 -15.60 -9.70
CA LEU B 143 4.50 -15.30 -9.90
C LEU B 143 3.78 -16.37 -10.72
N ASN B 144 4.51 -17.30 -11.35
CA ASN B 144 3.91 -18.33 -12.19
C ASN B 144 3.52 -19.59 -11.42
N SER B 145 3.61 -19.57 -10.09
CA SER B 145 3.40 -20.80 -9.33
C SER B 145 1.97 -21.32 -9.50
N ALA B 146 1.00 -20.42 -9.63
CA ALA B 146 -0.38 -20.77 -10.00
C ALA B 146 -0.96 -21.84 -9.09
N ILE B 147 -0.64 -21.75 -7.80
CA ILE B 147 -1.11 -22.78 -6.86
C ILE B 147 -2.60 -22.61 -6.63
N PRO B 148 -3.37 -23.70 -6.69
CA PRO B 148 -4.83 -23.60 -6.48
C PRO B 148 -5.16 -22.95 -5.15
N GLY B 149 -6.09 -22.01 -5.18
CA GLY B 149 -6.49 -21.29 -3.99
C GLY B 149 -5.70 -20.02 -3.74
N ASP B 150 -4.52 -19.89 -4.33
CA ASP B 150 -3.69 -18.71 -4.13
C ASP B 150 -4.29 -17.53 -4.90
N ALA B 151 -4.58 -16.45 -4.20
CA ALA B 151 -5.10 -15.23 -4.82
C ALA B 151 -4.00 -14.31 -5.31
N ARG B 152 -2.74 -14.56 -4.94
CA ARG B 152 -1.65 -13.74 -5.42
C ARG B 152 -1.51 -13.86 -6.93
N ASP B 153 -1.20 -12.73 -7.57
CA ASP B 153 -0.84 -12.70 -8.99
C ASP B 153 -2.00 -13.21 -9.87
N THR B 154 -3.20 -12.71 -9.58
CA THR B 154 -4.38 -13.11 -10.31
C THR B 154 -5.19 -11.89 -10.73
N SER B 155 -6.10 -12.12 -11.67
CA SER B 155 -7.19 -11.19 -11.91
C SER B 155 -8.37 -12.00 -12.42
N SER B 156 -9.39 -11.33 -12.89
CA SER B 156 -10.53 -11.99 -13.48
C SER B 156 -10.61 -11.66 -14.96
N PRO B 157 -11.19 -12.56 -15.77
CA PRO B 157 -11.36 -12.24 -17.20
C PRO B 157 -12.08 -10.94 -17.44
N ARG B 158 -13.11 -10.63 -16.62
CA ARG B 158 -13.85 -9.39 -16.81
C ARG B 158 -12.98 -8.17 -16.52
N ALA B 159 -12.23 -8.20 -15.42
CA ALA B 159 -11.41 -7.05 -15.07
C ALA B 159 -10.27 -6.86 -16.06
N VAL B 160 -9.70 -7.96 -16.54
CA VAL B 160 -8.67 -7.88 -17.58
C VAL B 160 -9.23 -7.21 -18.83
N THR B 161 -10.41 -7.63 -19.25
CA THR B 161 -11.03 -7.06 -20.45
C THR B 161 -11.35 -5.58 -20.25
N GLU B 162 -11.96 -5.25 -19.11
CA GLU B 162 -12.32 -3.86 -18.85
C GLU B 162 -11.09 -2.95 -18.81
N SER B 163 -10.02 -3.41 -18.18
CA SER B 163 -8.81 -2.59 -18.11
C SER B 163 -8.14 -2.48 -19.47
N LEU B 164 -8.13 -3.58 -20.24
CA LEU B 164 -7.58 -3.53 -21.58
C LEU B 164 -8.34 -2.53 -22.45
N GLN B 165 -9.67 -2.51 -22.33
CA GLN B 165 -10.47 -1.55 -23.09
C GLN B 165 -10.13 -0.11 -22.73
N LYS B 166 -10.02 0.17 -21.43
CA LYS B 166 -9.73 1.53 -20.99
C LYS B 166 -8.39 2.01 -21.54
N LEU B 167 -7.41 1.11 -21.61
CA LEU B 167 -6.05 1.47 -21.99
C LEU B 167 -5.83 1.52 -23.50
N THR B 168 -6.53 0.67 -24.27
CA THR B 168 -6.31 0.60 -25.71
C THR B 168 -7.30 1.43 -26.52
N LEU B 169 -8.53 1.56 -26.04
CA LEU B 169 -9.58 2.23 -26.79
C LEU B 169 -10.18 3.40 -26.04
N GLY B 170 -10.15 3.37 -24.72
CA GLY B 170 -10.63 4.48 -23.93
C GLY B 170 -9.55 5.53 -23.77
N SER B 171 -9.78 6.41 -22.79
CA SER B 171 -8.98 7.62 -22.62
C SER B 171 -8.06 7.54 -21.39
N ALA B 172 -7.85 6.35 -20.83
CA ALA B 172 -7.01 6.23 -19.65
C ALA B 172 -5.59 6.71 -19.90
N LEU B 173 -5.09 6.50 -21.12
CA LEU B 173 -3.81 7.00 -21.60
C LEU B 173 -4.04 8.13 -22.58
N ALA B 174 -3.10 9.07 -22.63
CA ALA B 174 -3.12 10.06 -23.69
C ALA B 174 -2.95 9.37 -25.05
N ALA B 175 -3.42 10.03 -26.09
CA ALA B 175 -3.48 9.43 -27.41
C ALA B 175 -2.14 8.89 -27.93
N PRO B 176 -1.01 9.61 -27.82
CA PRO B 176 0.25 9.01 -28.32
C PRO B 176 0.65 7.76 -27.57
N GLN B 177 0.57 7.77 -26.24
CA GLN B 177 0.89 6.58 -25.47
C GLN B 177 -0.13 5.46 -25.75
N ARG B 178 -1.39 5.82 -25.95
CA ARG B 178 -2.41 4.82 -26.28
C ARG B 178 -2.04 4.09 -27.55
N GLN B 179 -1.62 4.83 -28.58
CA GLN B 179 -1.27 4.20 -29.84
C GLN B 179 0.01 3.38 -29.72
N GLN B 180 0.95 3.82 -28.88
CA GLN B 180 2.15 3.02 -28.64
C GLN B 180 1.81 1.68 -28.02
N PHE B 181 0.89 1.68 -27.04
CA PHE B 181 0.48 0.43 -26.40
C PHE B 181 -0.19 -0.49 -27.40
N VAL B 182 -1.10 0.05 -28.21
CA VAL B 182 -1.75 -0.75 -29.26
C VAL B 182 -0.70 -1.33 -30.20
N ASP B 183 0.29 -0.52 -30.60
CA ASP B 183 1.32 -0.97 -31.53
C ASP B 183 2.14 -2.12 -30.95
N TRP B 184 2.49 -2.03 -29.66
CA TRP B 184 3.21 -3.13 -29.03
C TRP B 184 2.39 -4.40 -29.00
N LEU B 185 1.10 -4.29 -28.65
CA LEU B 185 0.25 -5.47 -28.61
C LEU B 185 0.07 -6.08 -30.00
N LYS B 186 -0.08 -5.23 -31.03
CA LYS B 186 -0.31 -5.73 -32.38
C LYS B 186 0.90 -6.49 -32.93
N GLY B 187 2.10 -6.16 -32.45
CA GLY B 187 3.31 -6.83 -32.95
C GLY B 187 3.61 -8.12 -32.22
N ASN B 188 2.72 -8.55 -31.32
CA ASN B 188 2.97 -9.79 -30.54
C ASN B 188 2.73 -11.02 -31.42
N PRO B 189 3.74 -11.90 -31.63
CA PRO B 189 3.57 -13.10 -32.43
C PRO B 189 3.55 -14.39 -31.60
N THR B 190 3.24 -14.28 -30.30
CA THR B 190 3.25 -15.47 -29.40
C THR B 190 1.84 -16.07 -29.24
N GLY B 191 0.79 -15.44 -29.78
CA GLY B 191 -0.58 -15.97 -29.58
C GLY B 191 -1.26 -16.40 -30.87
N ASN B 192 -0.50 -16.89 -31.85
CA ASN B 192 -1.10 -17.30 -33.16
C ASN B 192 -2.02 -18.51 -32.98
N HIS B 193 -1.84 -19.26 -31.90
CA HIS B 193 -2.64 -20.44 -31.62
C HIS B 193 -3.73 -20.20 -30.59
N ARG B 194 -3.91 -18.94 -30.15
CA ARG B 194 -4.90 -18.64 -29.12
C ARG B 194 -6.00 -17.76 -29.70
N ILE B 195 -6.22 -16.57 -29.15
CA ILE B 195 -7.32 -15.73 -29.64
C ILE B 195 -7.16 -15.45 -31.13
N ARG B 196 -5.92 -15.23 -31.58
CA ARG B 196 -5.67 -14.97 -33.00
C ARG B 196 -6.17 -16.10 -33.88
N ALA B 197 -6.11 -17.34 -33.39
CA ALA B 197 -6.55 -18.49 -34.17
C ALA B 197 -8.07 -18.55 -34.34
N ALA B 198 -8.82 -17.74 -33.61
CA ALA B 198 -10.27 -17.73 -33.71
C ALA B 198 -10.80 -16.63 -34.64
N VAL B 199 -9.93 -15.77 -35.16
CA VAL B 199 -10.39 -14.61 -35.92
C VAL B 199 -9.93 -14.71 -37.37
N PRO B 200 -10.74 -14.25 -38.32
CA PRO B 200 -10.29 -14.21 -39.73
C PRO B 200 -8.99 -13.45 -39.88
N ALA B 201 -8.15 -13.93 -40.80
CA ALA B 201 -6.79 -13.38 -41.01
C ALA B 201 -6.81 -11.89 -41.37
N ASP B 202 -7.90 -11.41 -41.98
CA ASP B 202 -7.95 -10.00 -42.43
C ASP B 202 -8.30 -9.04 -41.28
N TRP B 203 -8.69 -9.58 -40.12
CA TRP B 203 -9.04 -8.74 -38.95
C TRP B 203 -7.80 -8.55 -38.07
N ALA B 204 -7.42 -7.29 -37.77
CA ALA B 204 -6.25 -7.00 -36.94
C ALA B 204 -6.49 -7.38 -35.48
N VAL B 205 -5.43 -7.83 -34.82
CA VAL B 205 -5.50 -8.29 -33.43
C VAL B 205 -4.24 -7.84 -32.69
N GLY B 206 -4.43 -7.31 -31.48
CA GLY B 206 -3.32 -7.12 -30.58
C GLY B 206 -3.61 -7.92 -29.32
N ASP B 207 -2.62 -8.68 -28.84
CA ASP B 207 -2.90 -9.60 -27.74
C ASP B 207 -1.68 -9.73 -26.86
N LYS B 208 -1.89 -10.28 -25.66
CA LYS B 208 -0.80 -10.69 -24.79
C LYS B 208 -1.17 -12.03 -24.15
N THR B 209 -0.28 -13.00 -24.28
CA THR B 209 -0.48 -14.34 -23.76
C THR B 209 0.12 -14.46 -22.36
N GLY B 210 -0.28 -15.52 -21.66
CA GLY B 210 0.36 -15.94 -20.43
C GLY B 210 0.39 -17.45 -20.37
N THR B 211 1.49 -18.01 -19.88
CA THR B 211 1.64 -19.46 -19.79
C THR B 211 2.42 -19.79 -18.52
N CYS B 212 1.72 -20.15 -17.44
CA CYS B 212 2.41 -20.39 -16.18
C CYS B 212 3.31 -21.62 -16.25
N GLY B 213 2.94 -22.62 -17.05
CA GLY B 213 3.73 -23.83 -17.15
C GLY B 213 3.31 -24.94 -16.22
N VAL B 214 2.35 -24.69 -15.32
CA VAL B 214 1.86 -25.66 -14.36
C VAL B 214 0.36 -25.49 -14.23
N TYR B 215 -0.29 -26.51 -13.67
CA TYR B 215 -1.71 -26.44 -13.29
C TYR B 215 -2.61 -26.04 -14.46
N GLY B 216 -2.24 -26.46 -15.68
CA GLY B 216 -3.01 -26.17 -16.88
C GLY B 216 -3.41 -24.72 -17.02
N THR B 217 -2.53 -23.82 -16.56
CA THR B 217 -2.86 -22.41 -16.38
C THR B 217 -2.21 -21.60 -17.49
N ALA B 218 -3.03 -21.06 -18.39
CA ALA B 218 -2.57 -20.30 -19.54
C ALA B 218 -3.73 -19.40 -19.97
N ASN B 219 -3.41 -18.38 -20.75
CA ASN B 219 -4.41 -17.35 -21.02
C ASN B 219 -3.99 -16.50 -22.21
N ASP B 220 -4.90 -15.59 -22.59
CA ASP B 220 -4.69 -14.65 -23.68
C ASP B 220 -5.76 -13.57 -23.55
N TYR B 221 -5.37 -12.32 -23.76
CA TYR B 221 -6.37 -11.27 -23.92
C TYR B 221 -6.04 -10.45 -25.15
N ALA B 222 -7.06 -9.82 -25.74
CA ALA B 222 -6.84 -9.21 -27.04
C ALA B 222 -7.84 -8.11 -27.31
N VAL B 223 -7.43 -7.17 -28.16
CA VAL B 223 -8.34 -6.28 -28.87
C VAL B 223 -8.42 -6.79 -30.30
N VAL B 224 -9.64 -6.91 -30.82
CA VAL B 224 -9.86 -7.40 -32.16
C VAL B 224 -10.56 -6.31 -32.96
N TRP B 225 -10.02 -6.00 -34.14
CA TRP B 225 -10.60 -5.02 -35.06
C TRP B 225 -11.22 -5.75 -36.24
N PRO B 226 -12.51 -6.11 -36.16
CA PRO B 226 -13.17 -6.67 -37.35
C PRO B 226 -13.26 -5.62 -38.43
N THR B 227 -13.03 -6.05 -39.67
CA THR B 227 -13.03 -5.14 -40.81
C THR B 227 -14.30 -4.28 -40.82
N GLY B 228 -14.13 -2.98 -40.63
CA GLY B 228 -15.23 -2.03 -40.72
C GLY B 228 -16.30 -2.16 -39.67
N ARG B 229 -15.96 -2.69 -38.50
CA ARG B 229 -16.90 -2.82 -37.40
C ARG B 229 -16.22 -2.31 -36.13
N ALA B 230 -17.02 -2.10 -35.09
CA ALA B 230 -16.48 -1.65 -33.82
C ALA B 230 -15.58 -2.73 -33.23
N PRO B 231 -14.47 -2.34 -32.61
CA PRO B 231 -13.54 -3.34 -32.07
C PRO B 231 -14.13 -4.13 -30.91
N ILE B 232 -13.54 -5.31 -30.69
CA ILE B 232 -13.91 -6.23 -29.63
C ILE B 232 -12.75 -6.33 -28.66
N VAL B 233 -13.05 -6.42 -27.37
CA VAL B 233 -12.05 -6.69 -26.34
C VAL B 233 -12.48 -7.96 -25.62
N LEU B 234 -11.53 -8.86 -25.38
CA LEU B 234 -11.89 -10.12 -24.74
C LEU B 234 -10.69 -10.72 -24.03
N ALA B 235 -10.99 -11.63 -23.11
CA ALA B 235 -9.99 -12.31 -22.30
C ALA B 235 -10.42 -13.77 -22.10
N VAL B 236 -9.47 -14.69 -22.21
CA VAL B 236 -9.71 -16.11 -22.01
C VAL B 236 -8.62 -16.64 -21.10
N TYR B 237 -9.02 -17.18 -19.95
CA TYR B 237 -8.10 -17.66 -18.91
C TYR B 237 -8.45 -19.09 -18.54
N THR B 238 -7.43 -19.92 -18.27
CA THR B 238 -7.67 -21.29 -17.87
C THR B 238 -6.84 -21.65 -16.64
N ARG B 239 -7.31 -22.66 -15.92
CA ARG B 239 -6.55 -23.30 -14.85
C ARG B 239 -7.12 -24.70 -14.66
N ALA B 240 -6.38 -25.52 -13.93
CA ALA B 240 -6.76 -26.90 -13.72
C ALA B 240 -6.27 -27.36 -12.36
N PRO B 241 -6.89 -28.38 -11.75
CA PRO B 241 -6.60 -28.69 -10.34
C PRO B 241 -5.26 -29.38 -10.08
N ASN B 242 -4.72 -30.10 -11.06
CA ASN B 242 -3.50 -30.86 -10.84
C ASN B 242 -2.29 -30.16 -11.46
N LYS B 243 -1.15 -30.25 -10.78
CA LYS B 243 0.06 -29.57 -11.24
C LYS B 243 0.46 -30.03 -12.64
N ASP B 244 0.22 -31.30 -12.96
CA ASP B 244 0.61 -31.85 -14.25
C ASP B 244 -0.54 -31.84 -15.24
N ASP B 245 -1.66 -31.20 -14.92
CA ASP B 245 -2.68 -30.97 -15.93
C ASP B 245 -2.12 -30.04 -17.00
N LYS B 246 -2.19 -30.48 -18.25
CA LYS B 246 -1.59 -29.63 -19.29
C LYS B 246 -2.55 -28.51 -19.67
N HIS B 247 -1.98 -27.33 -19.97
CA HIS B 247 -2.73 -26.25 -20.60
C HIS B 247 -2.97 -26.60 -22.07
N SER B 248 -3.93 -25.90 -22.68
CA SER B 248 -4.29 -26.17 -24.06
C SER B 248 -4.47 -24.87 -24.81
N GLU B 249 -3.66 -24.66 -25.84
CA GLU B 249 -3.89 -23.51 -26.72
C GLU B 249 -5.18 -23.69 -27.52
N ALA B 250 -5.47 -24.93 -27.92
CA ALA B 250 -6.69 -25.20 -28.67
C ALA B 250 -7.94 -24.83 -27.86
N VAL B 251 -7.92 -25.10 -26.56
CA VAL B 251 -9.06 -24.77 -25.71
C VAL B 251 -9.24 -23.26 -25.60
N ILE B 252 -8.13 -22.52 -25.49
CA ILE B 252 -8.22 -21.06 -25.46
C ILE B 252 -8.76 -20.53 -26.78
N ALA B 253 -8.27 -21.07 -27.90
CA ALA B 253 -8.79 -20.65 -29.19
C ALA B 253 -10.27 -20.99 -29.33
N ALA B 254 -10.66 -22.19 -28.89
CA ALA B 254 -12.06 -22.60 -28.99
C ALA B 254 -12.95 -21.72 -28.12
N ALA B 255 -12.50 -21.41 -26.90
CA ALA B 255 -13.28 -20.53 -26.04
C ALA B 255 -13.37 -19.12 -26.63
N ALA B 256 -12.28 -18.64 -27.22
CA ALA B 256 -12.31 -17.33 -27.87
C ALA B 256 -13.32 -17.30 -29.01
N ARG B 257 -13.35 -18.36 -29.82
CA ARG B 257 -14.31 -18.41 -30.93
C ARG B 257 -15.74 -18.41 -30.41
N LEU B 258 -16.02 -19.21 -29.36
CA LEU B 258 -17.36 -19.21 -28.77
C LEU B 258 -17.75 -17.82 -28.30
N ALA B 259 -16.82 -17.12 -27.64
CA ALA B 259 -17.10 -15.77 -27.11
C ALA B 259 -17.35 -14.80 -28.26
N LEU B 260 -16.49 -14.82 -29.27
CA LEU B 260 -16.63 -13.90 -30.40
C LEU B 260 -17.90 -14.18 -31.19
N GLU B 261 -18.20 -15.46 -31.42
CA GLU B 261 -19.43 -15.86 -32.09
C GLU B 261 -20.67 -15.61 -31.24
N GLY B 262 -20.53 -15.30 -29.96
CA GLY B 262 -21.70 -15.11 -29.13
C GLY B 262 -22.08 -13.67 -28.86
N LEU B 263 -21.30 -12.71 -29.36
CA LEU B 263 -21.49 -11.31 -29.03
C LEU B 263 -22.71 -10.73 -29.73
N GLY B 264 -23.54 -10.00 -28.97
CA GLY B 264 -24.70 -9.24 -29.50
C GLY B 264 -25.74 -10.07 -30.23
#